data_7QLB
#
_entry.id   7QLB
#
_cell.length_a   60.938
_cell.length_b   66.329
_cell.length_c   108.165
_cell.angle_alpha   90.000
_cell.angle_beta   90.000
_cell.angle_gamma   90.000
#
_symmetry.space_group_name_H-M   'P 21 21 21'
#
loop_
_entity.id
_entity.type
_entity.pdbx_description
1 polymer 'Histone-lysine N-methyltransferase SMYD3'
2 non-polymer 'ZINC ION'
3 non-polymer 1-methylimidazole-4-sulfonamide
4 non-polymer S-ADENOSYLMETHIONINE
5 water water
#
_entity_poly.entity_id   1
_entity_poly.type   'polypeptide(L)'
_entity_poly.pdbx_seq_one_letter_code
;GSHMEPLKVEKFATANRGNGLRAVTPLRPGELLFRSDPLAYTVCKGSRGVVCDRCLLGKEKLMRCSQCRVAKYCSAKCQK
KAWPDHKRECKCLKSCKPRYPPDSVRLLGRVVFKLMDGAPSESEKLYSFYDLESNINKLTEDRKEGLRQLVMTFQHFMRE
EIQDASQLPPAFDLFEAFAKVICNSFTICNAEMQEVGVGLYPSISLLNHSCDPNCSIVFNGPHLLLRAVRDIEVGEELTI
CYLDMLMTSEERRKQLRDQYCFECDCFRCQTQDKDADMLTGDEQVWKEVQESLKKIEELKAHWKWEQVLAMCQAIISSNS
ERLPDINIYQLKVLDCAMDACINLGLLEEALFYGTRTMEPYRIFFPGSHPVRGVQVMKVGKLQLHQGMFPQAMKNLRLAF
DIMRVTHGREHSLIEDLILLLEECDANIRAS
;
_entity_poly.pdbx_strand_id   A
#
loop_
_chem_comp.id
_chem_comp.type
_chem_comp.name
_chem_comp.formula
E4I non-polymer 1-methylimidazole-4-sulfonamide 'C4 H7 N3 O2 S'
SAM non-polymer S-ADENOSYLMETHIONINE 'C15 H22 N6 O5 S'
ZN non-polymer 'ZINC ION' 'Zn 2'
#
# COMPACT_ATOMS: atom_id res chain seq x y z
N PRO A 6 -16.29 7.46 -21.46
CA PRO A 6 -17.14 8.05 -20.47
C PRO A 6 -16.89 7.45 -19.11
N LEU A 7 -17.24 8.06 -18.01
CA LEU A 7 -16.96 7.41 -16.74
C LEU A 7 -17.94 6.26 -16.49
N LYS A 8 -17.40 5.16 -15.99
CA LYS A 8 -18.18 4.02 -15.55
C LYS A 8 -18.59 4.14 -14.09
N VAL A 9 -18.21 5.24 -13.44
CA VAL A 9 -18.41 5.41 -12.00
C VAL A 9 -18.89 6.83 -11.76
N GLU A 10 -19.56 7.03 -10.63
CA GLU A 10 -20.07 8.36 -10.30
C GLU A 10 -20.11 8.55 -8.79
N LYS A 11 -19.84 9.78 -8.36
CA LYS A 11 -20.02 10.16 -6.97
C LYS A 11 -21.49 10.19 -6.62
N PHE A 12 -21.81 9.81 -5.38
CA PHE A 12 -23.17 9.94 -4.87
C PHE A 12 -23.14 10.04 -3.35
N ALA A 13 -24.26 10.44 -2.78
CA ALA A 13 -24.42 10.57 -1.33
C ALA A 13 -25.03 9.30 -0.77
N THR A 14 -24.26 8.56 0.03
CA THR A 14 -24.77 7.34 0.62
C THR A 14 -25.72 7.70 1.78
N ALA A 15 -26.43 6.67 2.27
CA ALA A 15 -27.37 6.87 3.36
C ALA A 15 -26.67 7.11 4.68
N ASN A 16 -25.56 6.39 4.95
CA ASN A 16 -24.96 6.53 6.27
C ASN A 16 -23.44 6.41 6.30
N ARG A 17 -22.75 6.58 5.18
CA ARG A 17 -21.30 6.60 5.18
CA ARG A 17 -21.30 6.61 5.19
C ARG A 17 -20.77 7.76 4.36
N GLY A 18 -21.48 8.88 4.35
CA GLY A 18 -20.99 10.04 3.63
C GLY A 18 -21.12 9.87 2.13
N ASN A 19 -20.21 10.51 1.41
CA ASN A 19 -20.13 10.34 -0.04
C ASN A 19 -19.50 9.00 -0.38
N GLY A 20 -19.86 8.50 -1.57
CA GLY A 20 -19.32 7.25 -2.07
C GLY A 20 -19.24 7.26 -3.58
N LEU A 21 -18.85 6.12 -4.13
CA LEU A 21 -18.74 5.91 -5.57
C LEU A 21 -19.62 4.72 -5.95
N ARG A 22 -20.40 4.84 -7.02
CA ARG A 22 -21.25 3.75 -7.48
C ARG A 22 -21.11 3.55 -8.98
N ALA A 23 -21.52 2.37 -9.44
CA ALA A 23 -21.38 2.02 -10.85
C ALA A 23 -22.45 2.71 -11.71
N VAL A 24 -22.02 3.27 -12.83
CA VAL A 24 -22.93 3.83 -13.82
C VAL A 24 -23.39 2.78 -14.81
N THR A 25 -22.56 1.78 -15.06
CA THR A 25 -22.79 0.69 -16.00
C THR A 25 -22.45 -0.62 -15.30
N PRO A 26 -22.96 -1.74 -15.78
CA PRO A 26 -22.56 -3.04 -15.20
C PRO A 26 -21.06 -3.24 -15.39
N LEU A 27 -20.41 -3.76 -14.35
CA LEU A 27 -18.96 -3.95 -14.37
C LEU A 27 -18.62 -5.42 -14.14
N ARG A 28 -17.55 -5.86 -14.81
CA ARG A 28 -17.09 -7.24 -14.77
C ARG A 28 -15.75 -7.31 -14.06
N PRO A 29 -15.40 -8.45 -13.46
CA PRO A 29 -14.07 -8.56 -12.84
C PRO A 29 -12.97 -8.19 -13.80
N GLY A 30 -12.03 -7.38 -13.33
CA GLY A 30 -10.90 -6.95 -14.12
C GLY A 30 -11.09 -5.64 -14.84
N GLU A 31 -12.31 -5.13 -14.90
CA GLU A 31 -12.57 -3.91 -15.65
C GLU A 31 -11.89 -2.72 -14.99
N LEU A 32 -11.21 -1.90 -15.79
CA LEU A 32 -10.55 -0.71 -15.29
C LEU A 32 -11.59 0.39 -15.09
N LEU A 33 -11.68 0.89 -13.86
CA LEU A 33 -12.71 1.86 -13.49
C LEU A 33 -12.17 3.27 -13.43
N PHE A 34 -10.91 3.44 -13.04
CA PHE A 34 -10.32 4.76 -12.90
C PHE A 34 -8.83 4.58 -12.75
N ARG A 35 -8.08 5.59 -13.18
CA ARG A 35 -6.64 5.60 -12.97
C ARG A 35 -6.22 7.02 -12.62
N SER A 36 -5.17 7.13 -11.81
CA SER A 36 -4.83 8.43 -11.30
C SER A 36 -3.36 8.49 -10.88
N ASP A 37 -2.71 9.58 -11.22
CA ASP A 37 -1.48 9.97 -10.53
C ASP A 37 -1.87 10.64 -9.21
N PRO A 38 -0.94 10.78 -8.26
CA PRO A 38 -1.29 11.44 -7.00
C PRO A 38 -1.45 12.94 -7.17
N LEU A 39 -2.29 13.53 -6.30
CA LEU A 39 -2.23 14.97 -6.10
C LEU A 39 -0.85 15.34 -5.56
N ALA A 40 -0.37 14.55 -4.62
CA ALA A 40 0.92 14.76 -3.98
C ALA A 40 1.34 13.43 -3.37
N TYR A 41 2.65 13.16 -3.35
CA TYR A 41 3.14 11.93 -2.76
C TYR A 41 4.58 12.13 -2.34
N THR A 42 5.04 11.28 -1.42
CA THR A 42 6.44 11.26 -1.04
C THR A 42 6.87 9.85 -0.67
N VAL A 43 8.18 9.64 -0.64
CA VAL A 43 8.73 8.37 -0.18
CA VAL A 43 8.73 8.37 -0.18
C VAL A 43 8.51 8.25 1.33
N CYS A 44 8.31 7.03 1.80
CA CYS A 44 8.12 6.74 3.21
CA CYS A 44 8.10 6.84 3.22
C CYS A 44 9.44 6.71 3.96
N LYS A 45 9.36 6.98 5.26
CA LYS A 45 10.49 6.94 6.19
C LYS A 45 11.50 5.84 5.88
N GLY A 46 11.03 4.59 5.85
CA GLY A 46 11.96 3.47 5.74
C GLY A 46 12.61 3.33 4.37
N SER A 47 11.96 3.83 3.33
CA SER A 47 12.46 3.72 1.97
C SER A 47 13.21 4.95 1.49
N ARG A 48 13.21 6.03 2.29
CA ARG A 48 14.01 7.20 1.93
C ARG A 48 15.46 6.81 1.73
N GLY A 49 16.02 7.17 0.59
CA GLY A 49 17.39 6.81 0.28
C GLY A 49 17.58 5.39 -0.23
N VAL A 50 16.51 4.61 -0.32
CA VAL A 50 16.56 3.28 -0.88
C VAL A 50 15.91 3.21 -2.25
N VAL A 51 14.81 3.93 -2.43
CA VAL A 51 14.10 4.03 -3.69
C VAL A 51 14.12 5.48 -4.17
N CYS A 52 13.87 5.64 -5.46
CA CYS A 52 13.89 6.96 -6.08
C CYS A 52 12.71 7.80 -5.60
N ASP A 53 12.99 9.05 -5.22
CA ASP A 53 11.92 9.94 -4.79
C ASP A 53 10.79 10.02 -5.79
N ARG A 54 11.12 10.00 -7.09
CA ARG A 54 10.12 10.22 -8.12
C ARG A 54 9.40 8.92 -8.52
N CYS A 55 10.14 7.96 -9.09
CA CYS A 55 9.54 6.76 -9.65
C CYS A 55 9.36 5.64 -8.63
N LEU A 56 9.92 5.79 -7.43
CA LEU A 56 9.76 4.83 -6.33
C LEU A 56 10.29 3.45 -6.67
N LEU A 57 11.27 3.38 -7.55
CA LEU A 57 11.97 2.15 -7.88
C LEU A 57 13.30 2.07 -7.15
N GLY A 58 13.70 0.86 -6.79
CA GLY A 58 14.96 0.67 -6.10
C GLY A 58 16.15 0.70 -7.04
N LYS A 59 17.31 1.04 -6.45
CA LYS A 59 18.58 1.12 -7.17
C LYS A 59 19.71 0.98 -6.15
N GLU A 60 20.78 0.28 -6.54
CA GLU A 60 21.88 0.10 -5.61
C GLU A 60 22.51 1.43 -5.22
N LYS A 61 22.61 2.36 -6.17
CA LYS A 61 23.15 3.68 -5.92
C LYS A 61 22.17 4.73 -6.44
N LEU A 62 21.84 5.68 -5.57
CA LEU A 62 20.98 6.80 -5.94
C LEU A 62 21.79 8.09 -5.97
N MET A 63 21.30 9.04 -6.76
CA MET A 63 21.88 10.37 -6.85
C MET A 63 21.12 11.30 -5.91
N ARG A 64 21.84 12.13 -5.17
CA ARG A 64 21.18 13.03 -4.23
C ARG A 64 21.09 14.43 -4.80
N CYS A 65 20.01 15.14 -4.43
CA CYS A 65 19.91 16.56 -4.70
C CYS A 65 21.03 17.28 -3.98
N SER A 66 21.78 18.09 -4.72
CA SER A 66 22.94 18.75 -4.13
C SER A 66 22.56 19.82 -3.12
N GLN A 67 21.39 20.44 -3.27
CA GLN A 67 21.02 21.56 -2.43
C GLN A 67 20.57 21.09 -1.05
N CYS A 68 19.66 20.12 -0.99
CA CYS A 68 19.18 19.60 0.28
C CYS A 68 19.86 18.32 0.71
N ARG A 69 20.34 17.51 -0.24
CA ARG A 69 20.93 16.22 0.04
C ARG A 69 19.98 15.29 0.79
N VAL A 70 18.68 15.51 0.63
CA VAL A 70 17.67 14.64 1.20
C VAL A 70 16.93 13.87 0.11
N ALA A 71 16.47 14.58 -0.93
CA ALA A 71 15.86 13.91 -2.07
C ALA A 71 16.91 13.10 -2.79
N LYS A 72 16.55 11.88 -3.20
CA LYS A 72 17.48 10.99 -3.90
C LYS A 72 16.77 10.34 -5.08
N TYR A 73 17.52 10.12 -6.15
CA TYR A 73 16.92 9.78 -7.43
C TYR A 73 17.72 8.69 -8.13
N CYS A 74 17.02 7.97 -9.03
CA CYS A 74 17.62 6.86 -9.74
C CYS A 74 18.36 7.29 -11.00
N SER A 75 18.15 8.53 -11.43
CA SER A 75 18.61 8.97 -12.75
C SER A 75 18.53 10.48 -12.81
N ALA A 76 19.30 11.04 -13.74
CA ALA A 76 19.19 12.47 -14.02
C ALA A 76 17.78 12.81 -14.49
N LYS A 77 17.18 11.95 -15.31
CA LYS A 77 15.82 12.18 -15.76
C LYS A 77 14.87 12.36 -14.60
N CYS A 78 14.90 11.43 -13.64
CA CYS A 78 13.98 11.52 -12.52
C CYS A 78 14.26 12.76 -11.68
N GLN A 79 15.55 13.04 -11.45
CA GLN A 79 15.90 14.22 -10.64
C GLN A 79 15.37 15.49 -11.29
N LYS A 80 15.55 15.62 -12.61
CA LYS A 80 15.12 16.87 -13.25
C LYS A 80 13.61 16.95 -13.36
N LYS A 81 12.94 15.85 -13.71
CA LYS A 81 11.49 15.91 -13.79
C LYS A 81 10.84 16.12 -12.43
N ALA A 82 11.52 15.78 -11.33
CA ALA A 82 11.00 16.00 -9.99
C ALA A 82 11.21 17.44 -9.52
N TRP A 83 12.03 18.21 -10.21
CA TRP A 83 12.45 19.50 -9.68
C TRP A 83 11.28 20.43 -9.45
N PRO A 84 10.35 20.61 -10.40
CA PRO A 84 9.21 21.52 -10.13
C PRO A 84 8.49 21.23 -8.84
N ASP A 85 8.21 19.96 -8.54
CA ASP A 85 7.49 19.59 -7.33
C ASP A 85 8.39 19.45 -6.10
N HIS A 86 9.72 19.54 -6.27
CA HIS A 86 10.65 19.48 -5.15
C HIS A 86 11.24 20.83 -4.80
N LYS A 87 11.16 21.81 -5.70
CA LYS A 87 11.88 23.07 -5.57
C LYS A 87 11.63 23.74 -4.23
N ARG A 88 10.37 23.85 -3.82
CA ARG A 88 10.06 24.62 -2.62
C ARG A 88 10.34 23.82 -1.35
N GLU A 89 10.06 22.51 -1.36
CA GLU A 89 10.39 21.70 -0.20
C GLU A 89 11.89 21.58 -0.01
N CYS A 90 12.67 21.75 -1.08
CA CYS A 90 14.12 21.64 -0.97
C CYS A 90 14.67 22.63 0.05
N LYS A 91 14.23 23.89 -0.02
CA LYS A 91 14.66 24.91 0.93
C LYS A 91 14.33 24.50 2.37
N CYS A 92 13.16 23.89 2.56
CA CYS A 92 12.72 23.54 3.90
C CYS A 92 13.47 22.33 4.44
N LEU A 93 13.72 21.33 3.60
CA LEU A 93 14.48 20.17 4.04
C LEU A 93 15.91 20.53 4.40
N LYS A 94 16.49 21.49 3.68
CA LYS A 94 17.84 21.94 4.00
C LYS A 94 17.84 22.81 5.26
N SER A 95 16.92 23.77 5.32
CA SER A 95 16.87 24.68 6.47
C SER A 95 16.80 23.91 7.78
N CYS A 96 16.09 22.78 7.79
CA CYS A 96 15.93 21.93 8.97
C CYS A 96 16.88 20.75 8.92
N LYS A 97 18.09 20.96 8.39
CA LYS A 97 18.99 19.92 7.91
C LYS A 97 18.96 18.63 8.74
N PRO A 98 19.21 18.66 10.05
CA PRO A 98 19.29 17.38 10.79
C PRO A 98 17.92 16.76 11.00
N ARG A 99 16.91 17.62 11.14
CA ARG A 99 15.56 17.16 11.38
C ARG A 99 14.92 16.68 10.10
N TYR A 100 14.24 15.53 10.17
CA TYR A 100 13.40 15.07 9.08
C TYR A 100 11.96 15.03 9.56
N PRO A 101 11.02 15.63 8.86
CA PRO A 101 9.64 15.71 9.35
C PRO A 101 8.92 14.38 9.21
N PRO A 102 7.83 14.18 9.94
CA PRO A 102 6.97 13.02 9.66
C PRO A 102 6.56 13.01 8.20
N ASP A 103 6.30 11.80 7.68
CA ASP A 103 5.86 11.66 6.29
C ASP A 103 4.63 12.52 6.00
N SER A 104 3.66 12.53 6.91
CA SER A 104 2.44 13.31 6.69
C SER A 104 2.73 14.79 6.52
N VAL A 105 3.74 15.30 7.22
CA VAL A 105 4.09 16.72 7.12
C VAL A 105 4.74 17.01 5.78
N ARG A 106 5.66 16.14 5.35
CA ARG A 106 6.22 16.32 4.00
C ARG A 106 5.14 16.20 2.94
N LEU A 107 4.21 15.26 3.14
CA LEU A 107 3.11 15.09 2.19
C LEU A 107 2.27 16.36 2.10
N LEU A 108 1.88 16.92 3.25
CA LEU A 108 1.02 18.10 3.21
C LEU A 108 1.75 19.30 2.62
N GLY A 109 3.06 19.42 2.82
CA GLY A 109 3.81 20.46 2.13
C GLY A 109 3.65 20.37 0.63
N ARG A 110 3.76 19.16 0.08
CA ARG A 110 3.60 18.97 -1.36
C ARG A 110 2.17 19.21 -1.80
N VAL A 111 1.18 18.90 -0.96
CA VAL A 111 -0.20 19.28 -1.27
C VAL A 111 -0.31 20.79 -1.42
N VAL A 112 0.23 21.52 -0.46
CA VAL A 112 0.08 22.97 -0.49
C VAL A 112 0.76 23.56 -1.72
N PHE A 113 1.99 23.12 -2.00
CA PHE A 113 2.68 23.66 -3.17
C PHE A 113 1.93 23.32 -4.44
N LYS A 114 1.41 22.10 -4.55
CA LYS A 114 0.66 21.70 -5.73
C LYS A 114 -0.59 22.56 -5.90
N LEU A 115 -1.31 22.83 -4.80
CA LEU A 115 -2.52 23.62 -4.90
C LEU A 115 -2.24 25.09 -5.16
N MET A 116 -1.09 25.60 -4.70
CA MET A 116 -0.75 27.00 -4.91
C MET A 116 -0.09 27.26 -6.26
N ASP A 117 0.78 26.35 -6.71
CA ASP A 117 1.62 26.60 -7.87
C ASP A 117 1.27 25.77 -9.09
N GLY A 118 0.53 24.69 -8.92
CA GLY A 118 0.23 23.79 -10.00
C GLY A 118 -1.16 24.00 -10.58
N ALA A 119 -1.30 23.68 -11.86
CA ALA A 119 -2.60 23.68 -12.50
C ALA A 119 -3.52 22.66 -11.82
N PRO A 120 -4.82 22.79 -12.01
CA PRO A 120 -5.75 21.82 -11.40
C PRO A 120 -5.41 20.40 -11.87
N SER A 121 -5.37 19.48 -10.92
CA SER A 121 -4.87 18.14 -11.14
C SER A 121 -6.00 17.20 -11.54
N GLU A 122 -5.73 16.33 -12.52
CA GLU A 122 -6.68 15.28 -12.88
C GLU A 122 -7.02 14.40 -11.68
N SER A 123 -6.11 14.31 -10.71
CA SER A 123 -6.39 13.50 -9.53
C SER A 123 -7.61 13.99 -8.76
N GLU A 124 -8.02 15.25 -8.94
CA GLU A 124 -9.17 15.79 -8.22
C GLU A 124 -10.43 15.84 -9.10
N LYS A 125 -10.48 15.07 -10.19
CA LYS A 125 -11.59 15.19 -11.14
C LYS A 125 -12.94 14.92 -10.48
N LEU A 126 -13.04 13.85 -9.69
CA LEU A 126 -14.31 13.46 -9.09
C LEU A 126 -14.55 14.06 -7.73
N TYR A 127 -13.49 14.52 -7.05
CA TYR A 127 -13.47 14.83 -5.63
C TYR A 127 -12.13 15.48 -5.38
N SER A 128 -12.11 16.59 -4.64
CA SER A 128 -10.89 17.35 -4.42
C SER A 128 -10.43 17.25 -2.98
N PHE A 129 -9.19 17.69 -2.75
CA PHE A 129 -8.72 17.81 -1.37
C PHE A 129 -9.69 18.65 -0.53
N TYR A 130 -10.24 19.71 -1.10
CA TYR A 130 -11.19 20.56 -0.40
C TYR A 130 -12.40 19.77 0.07
N ASP A 131 -12.82 18.77 -0.70
CA ASP A 131 -14.01 17.99 -0.42
C ASP A 131 -13.79 16.87 0.59
N LEU A 132 -12.55 16.52 0.88
CA LEU A 132 -12.27 15.30 1.62
C LEU A 132 -12.88 15.33 3.02
N GLU A 133 -13.26 14.13 3.47
CA GLU A 133 -13.77 13.95 4.82
C GLU A 133 -12.67 14.19 5.85
N SER A 134 -13.00 14.94 6.89
CA SER A 134 -12.07 15.19 7.99
C SER A 134 -12.45 14.49 9.29
N ASN A 135 -13.70 14.07 9.44
CA ASN A 135 -14.19 13.45 10.66
C ASN A 135 -13.93 14.27 11.92
N ILE A 136 -13.88 15.60 11.79
CA ILE A 136 -13.43 16.40 12.93
C ILE A 136 -14.36 16.23 14.12
N ASN A 137 -15.66 16.08 13.87
CA ASN A 137 -16.59 15.96 15.00
C ASN A 137 -16.59 14.58 15.63
N LYS A 138 -15.79 13.63 15.12
CA LYS A 138 -15.60 12.34 15.78
C LYS A 138 -14.23 12.17 16.40
N LEU A 139 -13.32 13.12 16.23
CA LEU A 139 -11.98 12.96 16.77
C LEU A 139 -11.99 13.05 18.28
N THR A 140 -11.20 12.17 18.92
CA THR A 140 -11.03 12.22 20.36
C THR A 140 -10.07 13.33 20.74
N GLU A 141 -10.12 13.73 22.02
CA GLU A 141 -9.21 14.79 22.47
C GLU A 141 -7.76 14.38 22.25
N ASP A 142 -7.46 13.09 22.43
CA ASP A 142 -6.09 12.62 22.22
C ASP A 142 -5.67 12.80 20.78
N ARG A 143 -6.56 12.47 19.83
CA ARG A 143 -6.24 12.67 18.42
C ARG A 143 -6.08 14.16 18.11
N LYS A 144 -6.95 15.01 18.65
CA LYS A 144 -6.82 16.43 18.37
C LYS A 144 -5.47 16.97 18.82
N GLU A 145 -5.00 16.51 19.97
CA GLU A 145 -3.71 16.94 20.49
C GLU A 145 -2.60 16.54 19.52
N GLY A 146 -2.68 15.32 18.98
CA GLY A 146 -1.71 14.90 17.99
C GLY A 146 -1.73 15.79 16.76
N LEU A 147 -2.92 16.17 16.31
CA LEU A 147 -3.02 17.01 15.12
C LEU A 147 -2.47 18.40 15.38
N ARG A 148 -2.66 18.93 16.58
CA ARG A 148 -2.10 20.24 16.89
C ARG A 148 -0.58 20.20 16.81
N GLN A 149 0.03 19.10 17.25
CA GLN A 149 1.49 18.97 17.15
C GLN A 149 1.94 18.86 15.69
N LEU A 150 1.18 18.15 14.84
CA LEU A 150 1.52 18.10 13.42
C LEU A 150 1.44 19.49 12.79
N VAL A 151 0.42 20.28 13.15
CA VAL A 151 0.30 21.63 12.63
C VAL A 151 1.54 22.44 12.98
N MET A 152 1.94 22.39 14.24
CA MET A 152 3.12 23.14 14.66
C MET A 152 4.37 22.59 13.98
N THR A 153 4.44 21.26 13.77
CA THR A 153 5.55 20.70 13.03
C THR A 153 5.58 21.21 11.60
N PHE A 154 4.43 21.26 10.94
CA PHE A 154 4.34 21.83 9.59
C PHE A 154 4.81 23.27 9.58
N GLN A 155 4.31 24.07 10.52
CA GLN A 155 4.66 25.49 10.56
C GLN A 155 6.18 25.67 10.70
N HIS A 156 6.82 24.86 11.53
CA HIS A 156 8.26 24.95 11.68
C HIS A 156 8.99 24.52 10.40
N PHE A 157 8.61 23.37 9.85
CA PHE A 157 9.30 22.83 8.67
C PHE A 157 9.16 23.78 7.49
N MET A 158 8.04 24.44 7.34
CA MET A 158 7.73 25.18 6.12
C MET A 158 8.09 26.65 6.23
N ARG A 159 8.74 27.07 7.31
CA ARG A 159 8.86 28.49 7.61
C ARG A 159 9.64 29.26 6.54
N GLU A 160 10.54 28.59 5.81
CA GLU A 160 11.24 29.28 4.73
C GLU A 160 10.30 29.65 3.57
N GLU A 161 9.25 28.85 3.35
CA GLU A 161 8.41 28.99 2.18
C GLU A 161 7.01 29.52 2.46
N ILE A 162 6.49 29.32 3.66
CA ILE A 162 5.13 29.70 4.01
C ILE A 162 5.21 30.43 5.33
N GLN A 163 4.94 31.74 5.31
CA GLN A 163 4.98 32.58 6.49
C GLN A 163 3.62 33.04 6.97
N ASP A 164 2.63 33.10 6.10
CA ASP A 164 1.31 33.61 6.47
C ASP A 164 0.25 32.92 5.62
N ALA A 165 -1.01 33.28 5.86
CA ALA A 165 -2.13 32.65 5.19
C ALA A 165 -2.21 32.98 3.71
N SER A 166 -1.57 34.07 3.27
CA SER A 166 -1.61 34.43 1.85
C SER A 166 -0.83 33.43 1.00
N GLN A 167 0.00 32.59 1.62
CA GLN A 167 0.76 31.56 0.93
C GLN A 167 0.11 30.19 1.03
N LEU A 168 -1.08 30.13 1.61
CA LEU A 168 -1.92 28.94 1.66
C LEU A 168 -3.16 29.17 0.79
N PRO A 169 -3.80 28.11 0.32
CA PRO A 169 -5.04 28.29 -0.45
C PRO A 169 -6.07 29.07 0.35
N PRO A 170 -7.08 29.63 -0.32
CA PRO A 170 -8.06 30.45 0.40
C PRO A 170 -8.74 29.66 1.51
N ALA A 171 -8.76 30.25 2.70
CA ALA A 171 -9.42 29.67 3.89
C ALA A 171 -8.87 28.29 4.25
N PHE A 172 -7.65 27.99 3.82
CA PHE A 172 -7.01 26.73 4.16
C PHE A 172 -6.75 26.65 5.66
N ASP A 173 -7.17 25.55 6.28
CA ASP A 173 -6.98 25.36 7.70
C ASP A 173 -6.08 24.15 7.94
N LEU A 174 -4.91 24.37 8.54
CA LEU A 174 -3.93 23.29 8.64
C LEU A 174 -4.43 22.16 9.54
N PHE A 175 -5.16 22.48 10.60
CA PHE A 175 -5.70 21.42 11.45
C PHE A 175 -6.64 20.52 10.66
N GLU A 176 -7.59 21.13 9.95
CA GLU A 176 -8.50 20.37 9.09
C GLU A 176 -7.75 19.59 8.03
N ALA A 177 -6.70 20.19 7.46
CA ALA A 177 -5.95 19.50 6.41
C ALA A 177 -5.29 18.23 6.94
N PHE A 178 -4.68 18.29 8.13
CA PHE A 178 -4.08 17.08 8.68
C PHE A 178 -5.13 16.04 9.06
N ALA A 179 -6.30 16.48 9.53
CA ALA A 179 -7.39 15.54 9.78
C ALA A 179 -7.77 14.81 8.50
N LYS A 180 -7.83 15.53 7.36
CA LYS A 180 -8.09 14.87 6.08
C LYS A 180 -6.99 13.88 5.71
N VAL A 181 -5.74 14.23 6.00
CA VAL A 181 -4.64 13.34 5.67
C VAL A 181 -4.76 12.04 6.45
N ILE A 182 -5.15 12.10 7.71
CA ILE A 182 -5.22 10.89 8.54
C ILE A 182 -6.11 9.82 7.90
N CYS A 183 -7.29 10.22 7.40
CA CYS A 183 -8.26 9.24 6.95
C CYS A 183 -8.38 9.17 5.44
N ASN A 184 -7.44 9.79 4.69
CA ASN A 184 -7.45 9.68 3.23
C ASN A 184 -6.08 9.40 2.64
N SER A 185 -5.09 9.05 3.46
CA SER A 185 -3.77 8.74 2.93
C SER A 185 -3.75 7.35 2.34
N PHE A 186 -3.08 7.20 1.20
CA PHE A 186 -2.89 5.91 0.53
C PHE A 186 -1.44 5.46 0.72
N THR A 187 -1.25 4.22 1.17
CA THR A 187 0.08 3.64 1.25
C THR A 187 0.45 3.08 -0.12
N ILE A 188 1.47 3.66 -0.73
CA ILE A 188 1.92 3.25 -2.05
C ILE A 188 2.85 2.06 -1.92
N CYS A 189 2.55 0.97 -2.65
CA CYS A 189 3.36 -0.24 -2.64
C CYS A 189 4.03 -0.46 -3.98
N ASN A 190 5.24 -1.01 -3.95
CA ASN A 190 5.95 -1.30 -5.20
C ASN A 190 5.45 -2.60 -5.80
N ALA A 191 6.06 -3.01 -6.92
CA ALA A 191 5.58 -4.18 -7.64
C ALA A 191 5.62 -5.44 -6.77
N GLU A 192 6.57 -5.52 -5.84
CA GLU A 192 6.69 -6.64 -4.92
C GLU A 192 5.83 -6.46 -3.68
N MET A 193 4.97 -5.45 -3.67
CA MET A 193 4.04 -5.17 -2.58
C MET A 193 4.74 -4.75 -1.29
N GLN A 194 5.94 -4.20 -1.41
CA GLN A 194 6.61 -3.54 -0.31
C GLN A 194 6.13 -2.10 -0.25
N GLU A 195 5.80 -1.62 0.96
CA GLU A 195 5.42 -0.22 1.12
C GLU A 195 6.61 0.67 0.86
N VAL A 196 6.41 1.69 -0.01
CA VAL A 196 7.51 2.56 -0.38
C VAL A 196 7.16 4.04 -0.33
N GLY A 197 5.89 4.37 -0.17
CA GLY A 197 5.50 5.78 -0.19
C GLY A 197 4.12 6.02 0.36
N VAL A 198 3.74 7.31 0.38
CA VAL A 198 2.41 7.74 0.82
C VAL A 198 1.92 8.83 -0.12
N GLY A 199 0.65 8.79 -0.47
CA GLY A 199 0.11 9.76 -1.40
C GLY A 199 -1.35 10.06 -1.16
N LEU A 200 -1.80 11.17 -1.74
CA LEU A 200 -3.21 11.53 -1.75
C LEU A 200 -3.72 11.39 -3.18
N TYR A 201 -4.88 10.74 -3.33
CA TYR A 201 -5.55 10.50 -4.61
C TYR A 201 -7.02 10.86 -4.37
N PRO A 202 -7.38 12.14 -4.41
CA PRO A 202 -8.68 12.54 -3.84
C PRO A 202 -9.90 11.91 -4.50
N SER A 203 -9.87 11.71 -5.83
CA SER A 203 -10.99 11.04 -6.48
C SER A 203 -11.17 9.62 -5.97
N ILE A 204 -10.06 8.89 -5.78
CA ILE A 204 -10.10 7.54 -5.24
C ILE A 204 -10.56 7.53 -3.78
N SER A 205 -10.37 8.62 -3.05
CA SER A 205 -10.83 8.69 -1.67
C SER A 205 -12.35 8.66 -1.54
N LEU A 206 -13.09 8.76 -2.65
CA LEU A 206 -14.54 8.60 -2.58
C LEU A 206 -14.93 7.17 -2.19
N LEU A 207 -14.08 6.18 -2.45
CA LEU A 207 -14.46 4.79 -2.19
C LEU A 207 -14.54 4.52 -0.70
N ASN A 208 -15.70 4.02 -0.25
CA ASN A 208 -15.82 3.53 1.11
C ASN A 208 -15.25 2.12 1.28
N HIS A 209 -15.13 1.71 2.53
CA HIS A 209 -14.46 0.48 2.91
C HIS A 209 -15.41 -0.69 2.99
N SER A 210 -14.89 -1.87 2.65
CA SER A 210 -15.53 -3.15 3.00
C SER A 210 -14.46 -4.18 3.34
N CYS A 211 -14.76 -5.04 4.33
CA CYS A 211 -13.90 -6.18 4.64
C CYS A 211 -14.07 -7.31 3.63
N ASP A 212 -15.00 -7.16 2.67
CA ASP A 212 -15.16 -8.11 1.57
C ASP A 212 -15.56 -7.31 0.33
N PRO A 213 -14.58 -6.63 -0.30
CA PRO A 213 -14.89 -5.58 -1.28
C PRO A 213 -15.14 -6.12 -2.68
N ASN A 214 -15.70 -5.23 -3.52
CA ASN A 214 -15.95 -5.57 -4.91
C ASN A 214 -14.98 -4.88 -5.87
N CYS A 215 -14.10 -4.02 -5.36
CA CYS A 215 -13.06 -3.40 -6.15
C CYS A 215 -11.71 -3.54 -5.45
N SER A 216 -10.64 -3.24 -6.18
CA SER A 216 -9.29 -3.29 -5.66
C SER A 216 -8.46 -2.21 -6.32
N ILE A 217 -7.47 -1.69 -5.59
CA ILE A 217 -6.50 -0.77 -6.17
C ILE A 217 -5.12 -1.44 -6.20
N VAL A 218 -4.33 -1.04 -7.17
CA VAL A 218 -2.94 -1.48 -7.27
C VAL A 218 -2.10 -0.30 -7.72
N PHE A 219 -0.83 -0.30 -7.32
CA PHE A 219 0.10 0.78 -7.66
C PHE A 219 1.13 0.29 -8.67
N ASN A 220 1.40 1.13 -9.65
CA ASN A 220 2.49 0.94 -10.61
C ASN A 220 3.35 2.19 -10.49
N GLY A 221 4.42 2.13 -9.70
CA GLY A 221 5.08 3.34 -9.27
C GLY A 221 4.08 4.18 -8.50
N PRO A 222 4.11 5.51 -8.69
CA PRO A 222 3.08 6.38 -8.05
C PRO A 222 1.69 6.28 -8.68
N HIS A 223 1.57 5.60 -9.83
CA HIS A 223 0.30 5.55 -10.54
C HIS A 223 -0.64 4.50 -9.94
N LEU A 224 -1.91 4.87 -9.83
CA LEU A 224 -2.91 4.02 -9.17
C LEU A 224 -3.94 3.57 -10.18
N LEU A 225 -4.21 2.27 -10.20
CA LEU A 225 -5.26 1.67 -11.02
C LEU A 225 -6.34 1.12 -10.11
N LEU A 226 -7.59 1.47 -10.41
CA LEU A 226 -8.77 0.98 -9.69
C LEU A 226 -9.52 0.03 -10.60
N ARG A 227 -9.73 -1.21 -10.15
CA ARG A 227 -10.37 -2.23 -10.96
C ARG A 227 -11.49 -2.93 -10.19
N ALA A 228 -12.52 -3.37 -10.92
CA ALA A 228 -13.51 -4.25 -10.31
C ALA A 228 -12.91 -5.65 -10.13
N VAL A 229 -13.26 -6.30 -9.00
CA VAL A 229 -12.87 -7.68 -8.75
C VAL A 229 -14.06 -8.59 -8.53
N ARG A 230 -15.28 -8.08 -8.65
CA ARG A 230 -16.50 -8.86 -8.68
C ARG A 230 -17.39 -8.33 -9.79
N ASP A 231 -18.44 -9.06 -10.12
CA ASP A 231 -19.52 -8.47 -10.90
C ASP A 231 -20.18 -7.36 -10.07
N ILE A 232 -20.50 -6.24 -10.72
CA ILE A 232 -21.13 -5.11 -10.07
C ILE A 232 -22.28 -4.61 -10.96
N GLU A 233 -23.42 -4.35 -10.34
CA GLU A 233 -24.63 -3.91 -11.04
C GLU A 233 -24.72 -2.38 -11.08
N VAL A 234 -25.50 -1.87 -12.03
CA VAL A 234 -25.76 -0.44 -12.08
CA VAL A 234 -25.74 -0.43 -12.07
C VAL A 234 -26.27 0.03 -10.73
N GLY A 235 -25.72 1.15 -10.24
CA GLY A 235 -26.15 1.72 -8.97
C GLY A 235 -25.53 1.13 -7.73
N GLU A 236 -24.82 0.00 -7.84
CA GLU A 236 -24.21 -0.62 -6.68
C GLU A 236 -22.99 0.17 -6.23
N GLU A 237 -22.83 0.30 -4.93
CA GLU A 237 -21.69 1.03 -4.40
C GLU A 237 -20.40 0.25 -4.63
N LEU A 238 -19.37 0.99 -5.02
CA LEU A 238 -18.02 0.45 -5.14
C LEU A 238 -17.28 0.55 -3.82
N THR A 239 -16.63 -0.55 -3.41
CA THR A 239 -15.89 -0.58 -2.16
C THR A 239 -14.49 -1.17 -2.37
N ILE A 240 -13.55 -0.73 -1.54
CA ILE A 240 -12.23 -1.34 -1.45
C ILE A 240 -12.01 -1.66 0.01
N CYS A 241 -11.10 -2.58 0.29
CA CYS A 241 -10.69 -2.86 1.66
C CYS A 241 -9.52 -1.96 2.03
N TYR A 242 -9.72 -1.13 3.06
CA TYR A 242 -8.67 -0.22 3.47
C TYR A 242 -7.50 -0.94 4.15
N LEU A 243 -7.71 -2.19 4.58
CA LEU A 243 -6.83 -2.84 5.54
C LEU A 243 -6.19 -4.13 5.00
N ASP A 244 -5.02 -4.45 5.56
CA ASP A 244 -4.39 -5.76 5.39
C ASP A 244 -5.39 -6.87 5.68
N MET A 245 -5.45 -7.86 4.79
CA MET A 245 -6.38 -8.97 5.02
C MET A 245 -5.99 -9.83 6.21
N LEU A 246 -4.74 -9.82 6.61
CA LEU A 246 -4.28 -10.68 7.71
C LEU A 246 -4.48 -9.94 9.04
N MET A 247 -5.75 -9.77 9.40
CA MET A 247 -6.19 -9.03 10.58
C MET A 247 -7.48 -9.67 11.09
N THR A 248 -7.58 -9.81 12.41
CA THR A 248 -8.83 -10.24 13.03
C THR A 248 -9.83 -9.09 13.08
N SER A 249 -11.10 -9.44 13.34
CA SER A 249 -12.15 -8.42 13.39
C SER A 249 -11.89 -7.41 14.51
N GLU A 250 -11.29 -7.87 15.62
CA GLU A 250 -10.89 -6.95 16.69
C GLU A 250 -9.82 -5.97 16.20
N GLU A 251 -8.83 -6.47 15.48
CA GLU A 251 -7.78 -5.59 14.96
C GLU A 251 -8.35 -4.60 13.94
N ARG A 252 -9.27 -5.07 13.10
CA ARG A 252 -9.90 -4.19 12.13
C ARG A 252 -10.73 -3.12 12.82
N ARG A 253 -11.47 -3.52 13.86
CA ARG A 253 -12.26 -2.56 14.64
C ARG A 253 -11.38 -1.44 15.16
N LYS A 254 -10.23 -1.78 15.73
CA LYS A 254 -9.35 -0.78 16.32
C LYS A 254 -8.85 0.20 15.27
N GLN A 255 -8.39 -0.31 14.12
CA GLN A 255 -7.82 0.58 13.12
C GLN A 255 -8.90 1.43 12.44
N LEU A 256 -10.07 0.85 12.17
CA LEU A 256 -11.15 1.62 11.55
C LEU A 256 -11.67 2.70 12.50
N ARG A 257 -11.68 2.42 13.80
CA ARG A 257 -12.02 3.48 14.77
C ARG A 257 -10.92 4.54 14.82
N ASP A 258 -9.68 4.10 15.05
CA ASP A 258 -8.62 5.05 15.36
C ASP A 258 -8.28 5.93 14.16
N GLN A 259 -8.21 5.34 12.97
CA GLN A 259 -7.79 6.08 11.79
C GLN A 259 -8.96 6.64 10.98
N TYR A 260 -10.08 5.91 10.91
CA TYR A 260 -11.17 6.32 10.02
C TYR A 260 -12.47 6.69 10.74
N CYS A 261 -12.51 6.60 12.05
CA CYS A 261 -13.68 6.98 12.83
C CYS A 261 -14.99 6.37 12.33
N PHE A 262 -14.99 5.06 12.10
CA PHE A 262 -16.30 4.41 11.93
C PHE A 262 -16.28 2.99 12.47
N GLU A 263 -17.50 2.48 12.70
CA GLU A 263 -17.77 1.12 13.16
C GLU A 263 -18.25 0.31 11.96
N CYS A 264 -17.67 -0.85 11.73
CA CYS A 264 -18.00 -1.63 10.54
C CYS A 264 -19.10 -2.63 10.85
N ASP A 265 -20.15 -2.59 10.03
CA ASP A 265 -21.36 -3.38 10.18
C ASP A 265 -21.42 -4.59 9.24
N CYS A 266 -20.35 -4.90 8.52
CA CYS A 266 -20.43 -5.92 7.48
C CYS A 266 -20.62 -7.32 8.08
N PHE A 267 -20.94 -8.29 7.22
CA PHE A 267 -21.17 -9.64 7.70
C PHE A 267 -19.94 -10.21 8.39
N ARG A 268 -18.75 -9.92 7.86
CA ARG A 268 -17.53 -10.50 8.42
C ARG A 268 -17.30 -9.98 9.83
N CYS A 269 -17.52 -8.70 10.07
CA CYS A 269 -17.35 -8.18 11.43
C CYS A 269 -18.42 -8.68 12.37
N GLN A 270 -19.67 -8.78 11.90
CA GLN A 270 -20.75 -9.29 12.76
C GLN A 270 -20.51 -10.74 13.19
N THR A 271 -19.81 -11.54 12.39
CA THR A 271 -19.65 -12.96 12.67
C THR A 271 -18.21 -13.34 12.99
N GLN A 272 -17.30 -12.38 13.11
CA GLN A 272 -15.89 -12.68 13.38
C GLN A 272 -15.33 -13.67 12.36
N ASP A 273 -15.75 -13.47 11.10
CA ASP A 273 -15.38 -14.37 10.00
C ASP A 273 -13.87 -14.58 9.91
N LYS A 274 -13.47 -15.85 10.07
CA LYS A 274 -12.12 -16.37 9.97
C LYS A 274 -11.25 -16.10 11.20
N ASP A 275 -11.75 -15.35 12.21
CA ASP A 275 -10.92 -15.03 13.36
C ASP A 275 -10.36 -16.30 14.03
N ALA A 276 -11.19 -17.33 14.18
CA ALA A 276 -10.76 -18.51 14.93
C ALA A 276 -9.60 -19.20 14.23
N ASP A 277 -9.71 -19.39 12.91
CA ASP A 277 -8.63 -20.02 12.16
C ASP A 277 -7.37 -19.19 12.19
N MET A 278 -7.52 -17.86 12.13
CA MET A 278 -6.37 -16.97 12.10
C MET A 278 -5.56 -17.05 13.39
N LEU A 279 -6.20 -17.43 14.50
CA LEU A 279 -5.54 -17.48 15.79
C LEU A 279 -5.35 -18.90 16.31
N THR A 280 -5.21 -19.88 15.43
CA THR A 280 -4.96 -21.23 15.90
C THR A 280 -3.52 -21.37 16.43
N GLY A 281 -3.32 -22.38 17.24
CA GLY A 281 -2.05 -22.58 17.92
C GLY A 281 -2.09 -22.04 19.34
N ASP A 282 -0.94 -22.12 20.01
CA ASP A 282 -0.85 -21.77 21.41
C ASP A 282 -0.78 -20.26 21.56
N GLU A 283 -1.64 -19.73 22.43
CA GLU A 283 -1.78 -18.27 22.52
C GLU A 283 -0.50 -17.63 23.01
N GLN A 284 0.18 -18.23 24.00
CA GLN A 284 1.39 -17.61 24.50
C GLN A 284 2.43 -17.53 23.40
N VAL A 285 2.48 -18.53 22.52
CA VAL A 285 3.45 -18.48 21.44
C VAL A 285 3.11 -17.38 20.45
N TRP A 286 1.85 -17.31 19.97
CA TRP A 286 1.60 -16.31 18.94
C TRP A 286 1.56 -14.89 19.50
N LYS A 287 1.32 -14.72 20.80
CA LYS A 287 1.46 -13.38 21.37
C LYS A 287 2.92 -12.95 21.36
N GLU A 288 3.85 -13.88 21.62
CA GLU A 288 5.26 -13.52 21.51
C GLU A 288 5.65 -13.21 20.08
N VAL A 289 5.15 -13.98 19.11
CA VAL A 289 5.47 -13.72 17.71
C VAL A 289 4.88 -12.39 17.26
N GLN A 290 3.64 -12.09 17.67
CA GLN A 290 3.06 -10.79 17.33
C GLN A 290 3.90 -9.65 17.86
N GLU A 291 4.43 -9.79 19.08
CA GLU A 291 5.30 -8.76 19.64
C GLU A 291 6.59 -8.65 18.83
N SER A 292 7.20 -9.79 18.47
CA SER A 292 8.43 -9.76 17.68
C SER A 292 8.20 -9.15 16.30
N LEU A 293 6.99 -9.31 15.73
CA LEU A 293 6.72 -8.76 14.41
C LEU A 293 6.83 -7.24 14.37
N LYS A 294 6.69 -6.56 15.52
CA LYS A 294 6.89 -5.11 15.53
C LYS A 294 8.29 -4.75 15.04
N LYS A 295 9.30 -5.46 15.55
CA LYS A 295 10.67 -5.21 15.11
C LYS A 295 10.92 -5.79 13.73
N ILE A 296 10.40 -6.98 13.44
CA ILE A 296 10.62 -7.56 12.13
C ILE A 296 10.10 -6.63 11.04
N GLU A 297 8.89 -6.11 11.24
CA GLU A 297 8.28 -5.25 10.24
C GLU A 297 8.98 -3.90 10.16
N GLU A 298 9.48 -3.39 11.29
CA GLU A 298 10.32 -2.20 11.28
C GLU A 298 11.57 -2.43 10.44
N LEU A 299 12.27 -3.53 10.70
CA LEU A 299 13.47 -3.84 9.93
C LEU A 299 13.16 -3.96 8.44
N LYS A 300 12.07 -4.64 8.11
CA LYS A 300 11.69 -4.80 6.71
C LYS A 300 11.40 -3.47 6.05
N ALA A 301 10.70 -2.58 6.77
CA ALA A 301 10.40 -1.26 6.21
C ALA A 301 11.66 -0.49 5.85
N HIS A 302 12.76 -0.77 6.51
CA HIS A 302 14.04 -0.16 6.20
C HIS A 302 14.93 -1.07 5.34
N TRP A 303 14.35 -2.13 4.78
CA TRP A 303 15.04 -2.99 3.81
C TRP A 303 16.24 -3.71 4.41
N LYS A 304 16.19 -4.02 5.70
CA LYS A 304 17.33 -4.68 6.36
C LYS A 304 17.13 -6.20 6.35
N TRP A 305 17.34 -6.77 5.18
CA TRP A 305 16.91 -8.15 4.93
C TRP A 305 17.68 -9.17 5.78
N GLU A 306 18.99 -8.98 5.96
CA GLU A 306 19.72 -9.97 6.76
C GLU A 306 19.21 -10.03 8.18
N GLN A 307 18.90 -8.87 8.76
CA GLN A 307 18.35 -8.83 10.11
C GLN A 307 16.93 -9.39 10.15
N VAL A 308 16.11 -9.06 9.16
CA VAL A 308 14.78 -9.64 9.07
C VAL A 308 14.88 -11.17 9.08
N LEU A 309 15.74 -11.73 8.23
CA LEU A 309 15.81 -13.18 8.10
C LEU A 309 16.23 -13.83 9.41
N ALA A 310 17.21 -13.22 10.10
CA ALA A 310 17.70 -13.82 11.33
C ALA A 310 16.58 -13.92 12.36
N MET A 311 15.78 -12.85 12.50
CA MET A 311 14.66 -12.88 13.44
C MET A 311 13.61 -13.90 13.02
N CYS A 312 13.33 -13.99 11.72
CA CYS A 312 12.28 -14.90 11.27
C CYS A 312 12.71 -16.35 11.44
N GLN A 313 13.98 -16.68 11.15
CA GLN A 313 14.46 -18.05 11.32
C GLN A 313 14.37 -18.49 12.77
N ALA A 314 14.58 -17.56 13.71
CA ALA A 314 14.50 -17.87 15.13
C ALA A 314 13.09 -18.26 15.55
N ILE A 315 12.10 -17.90 14.75
CA ILE A 315 10.70 -18.27 14.99
C ILE A 315 10.31 -19.49 14.18
N ILE A 316 10.60 -19.48 12.88
CA ILE A 316 10.17 -20.56 12.02
C ILE A 316 10.83 -21.87 12.42
N SER A 317 12.12 -21.83 12.77
CA SER A 317 12.88 -23.00 13.14
C SER A 317 13.23 -22.99 14.62
N SER A 318 12.34 -22.46 15.44
CA SER A 318 12.61 -22.33 16.87
C SER A 318 12.81 -23.69 17.51
N ASN A 319 13.70 -23.73 18.50
CA ASN A 319 13.79 -24.91 19.36
C ASN A 319 12.54 -25.02 20.24
N SER A 320 11.87 -23.92 20.52
CA SER A 320 10.69 -23.91 21.37
C SER A 320 9.44 -24.11 20.51
N GLU A 321 8.27 -23.99 21.14
CA GLU A 321 7.01 -24.37 20.48
C GLU A 321 6.75 -23.51 19.27
N ARG A 322 6.09 -24.12 18.28
CA ARG A 322 5.85 -23.50 16.98
C ARG A 322 4.37 -23.37 16.70
N LEU A 323 4.07 -22.61 15.66
CA LEU A 323 2.71 -22.28 15.29
C LEU A 323 2.33 -22.88 13.94
N PRO A 324 1.04 -23.15 13.71
CA PRO A 324 0.59 -23.55 12.38
C PRO A 324 0.74 -22.42 11.39
N ASP A 325 0.96 -22.79 10.12
CA ASP A 325 1.18 -21.77 9.10
C ASP A 325 -0.08 -20.94 8.81
N ILE A 326 -1.27 -21.40 9.20
CA ILE A 326 -2.46 -20.57 9.02
CA ILE A 326 -2.49 -20.61 9.05
C ILE A 326 -2.67 -19.56 10.13
N ASN A 327 -1.89 -19.61 11.20
CA ASN A 327 -1.90 -18.52 12.19
C ASN A 327 -1.32 -17.28 11.53
N ILE A 328 -2.02 -16.14 11.65
CA ILE A 328 -1.66 -14.99 10.80
C ILE A 328 -0.31 -14.41 11.19
N TYR A 329 0.09 -14.52 12.46
CA TYR A 329 1.40 -13.99 12.85
C TYR A 329 2.51 -14.89 12.34
N GLN A 330 2.34 -16.20 12.45
CA GLN A 330 3.24 -17.14 11.77
C GLN A 330 3.30 -16.84 10.28
N LEU A 331 2.13 -16.59 9.67
CA LEU A 331 2.08 -16.37 8.23
C LEU A 331 2.83 -15.10 7.83
N LYS A 332 2.71 -14.04 8.64
CA LYS A 332 3.45 -12.82 8.38
C LYS A 332 4.95 -13.07 8.46
N VAL A 333 5.38 -13.88 9.42
CA VAL A 333 6.80 -14.19 9.56
C VAL A 333 7.29 -14.97 8.35
N LEU A 334 6.52 -15.97 7.91
CA LEU A 334 6.91 -16.70 6.71
C LEU A 334 7.04 -15.78 5.49
N ASP A 335 6.12 -14.83 5.34
CA ASP A 335 6.20 -13.92 4.20
C ASP A 335 7.42 -13.02 4.30
N CYS A 336 7.69 -12.45 5.48
CA CYS A 336 8.89 -11.63 5.64
C CYS A 336 10.15 -12.45 5.37
N ALA A 337 10.19 -13.71 5.83
CA ALA A 337 11.37 -14.53 5.59
C ALA A 337 11.55 -14.83 4.10
N MET A 338 10.44 -15.07 3.39
CA MET A 338 10.52 -15.33 1.96
C MET A 338 11.08 -14.12 1.21
N ASP A 339 10.53 -12.93 1.47
CA ASP A 339 11.01 -11.72 0.80
C ASP A 339 12.46 -11.44 1.15
N ALA A 340 12.85 -11.67 2.41
CA ALA A 340 14.25 -11.51 2.77
C ALA A 340 15.14 -12.48 1.99
N CYS A 341 14.75 -13.74 1.90
CA CYS A 341 15.55 -14.70 1.15
C CYS A 341 15.63 -14.33 -0.31
N ILE A 342 14.53 -13.87 -0.90
CA ILE A 342 14.57 -13.48 -2.31
C ILE A 342 15.60 -12.36 -2.51
N ASN A 343 15.52 -11.32 -1.69
CA ASN A 343 16.42 -10.18 -1.85
C ASN A 343 17.85 -10.51 -1.49
N LEU A 344 18.08 -11.60 -0.77
CA LEU A 344 19.43 -12.05 -0.42
C LEU A 344 19.94 -13.12 -1.36
N GLY A 345 19.14 -13.55 -2.33
CA GLY A 345 19.60 -14.58 -3.25
C GLY A 345 19.52 -16.00 -2.74
N LEU A 346 18.87 -16.22 -1.60
CA LEU A 346 18.71 -17.54 -1.01
C LEU A 346 17.43 -18.17 -1.55
N LEU A 347 17.49 -18.63 -2.80
CA LEU A 347 16.25 -18.93 -3.50
C LEU A 347 15.65 -20.26 -3.10
N GLU A 348 16.47 -21.23 -2.68
CA GLU A 348 15.92 -22.50 -2.22
C GLU A 348 15.14 -22.31 -0.92
N GLU A 349 15.71 -21.55 0.02
CA GLU A 349 15.02 -21.25 1.26
C GLU A 349 13.79 -20.39 1.02
N ALA A 350 13.88 -19.44 0.10
CA ALA A 350 12.73 -18.59 -0.22
C ALA A 350 11.55 -19.41 -0.70
N LEU A 351 11.82 -20.41 -1.56
CA LEU A 351 10.74 -21.24 -2.07
C LEU A 351 10.10 -22.06 -0.97
N PHE A 352 10.90 -22.56 -0.03
CA PHE A 352 10.35 -23.30 1.10
C PHE A 352 9.32 -22.47 1.87
N TYR A 353 9.70 -21.27 2.29
CA TYR A 353 8.75 -20.42 3.00
C TYR A 353 7.59 -20.02 2.09
N GLY A 354 7.89 -19.65 0.86
CA GLY A 354 6.83 -19.23 -0.05
C GLY A 354 5.78 -20.30 -0.28
N THR A 355 6.21 -21.54 -0.56
CA THR A 355 5.23 -22.60 -0.80
CA THR A 355 5.25 -22.62 -0.79
C THR A 355 4.36 -22.83 0.42
N ARG A 356 4.93 -22.68 1.63
CA ARG A 356 4.12 -22.85 2.84
C ARG A 356 3.02 -21.81 2.95
N THR A 357 3.22 -20.60 2.41
CA THR A 357 2.17 -19.58 2.52
C THR A 357 1.02 -19.78 1.53
N MET A 358 1.15 -20.73 0.59
CA MET A 358 0.23 -20.79 -0.54
C MET A 358 -1.19 -21.14 -0.08
N GLU A 359 -1.36 -22.19 0.74
CA GLU A 359 -2.71 -22.56 1.15
C GLU A 359 -3.30 -21.52 2.10
N PRO A 360 -2.58 -21.03 3.12
CA PRO A 360 -3.15 -19.94 3.93
C PRO A 360 -3.54 -18.73 3.09
N TYR A 361 -2.75 -18.38 2.08
CA TYR A 361 -3.12 -17.24 1.24
C TYR A 361 -4.39 -17.53 0.45
N ARG A 362 -4.56 -18.77 0.00
CA ARG A 362 -5.79 -19.11 -0.72
C ARG A 362 -7.00 -18.89 0.16
N ILE A 363 -6.87 -19.14 1.46
CA ILE A 363 -7.98 -18.99 2.39
C ILE A 363 -8.23 -17.54 2.75
N PHE A 364 -7.18 -16.77 3.02
CA PHE A 364 -7.33 -15.45 3.60
C PHE A 364 -7.45 -14.34 2.56
N PHE A 365 -7.22 -14.63 1.28
CA PHE A 365 -7.34 -13.66 0.18
C PHE A 365 -8.32 -14.22 -0.84
N PRO A 366 -9.59 -14.35 -0.45
CA PRO A 366 -10.56 -14.99 -1.36
C PRO A 366 -10.79 -14.19 -2.63
N GLY A 367 -11.21 -14.92 -3.67
CA GLY A 367 -11.50 -14.28 -4.95
C GLY A 367 -10.21 -13.82 -5.59
N SER A 368 -10.20 -12.56 -6.07
CA SER A 368 -9.05 -11.97 -6.75
C SER A 368 -8.50 -10.82 -5.92
N HIS A 369 -7.31 -11.01 -5.36
CA HIS A 369 -6.67 -10.01 -4.51
C HIS A 369 -5.23 -9.83 -4.99
N PRO A 370 -4.78 -8.59 -5.23
CA PRO A 370 -3.43 -8.43 -5.79
C PRO A 370 -2.31 -8.97 -4.92
N VAL A 371 -2.48 -9.00 -3.60
CA VAL A 371 -1.42 -9.53 -2.73
C VAL A 371 -1.23 -11.03 -2.97
N ARG A 372 -2.32 -11.77 -3.16
CA ARG A 372 -2.18 -13.20 -3.46
C ARG A 372 -1.62 -13.41 -4.87
N GLY A 373 -2.08 -12.60 -5.83
CA GLY A 373 -1.56 -12.74 -7.17
C GLY A 373 -0.05 -12.59 -7.21
N VAL A 374 0.47 -11.58 -6.51
CA VAL A 374 1.91 -11.33 -6.48
C VAL A 374 2.62 -12.47 -5.76
N GLN A 375 2.03 -12.98 -4.69
CA GLN A 375 2.68 -14.04 -3.94
C GLN A 375 2.81 -15.30 -4.78
N VAL A 376 1.74 -15.65 -5.47
CA VAL A 376 1.77 -16.84 -6.34
C VAL A 376 2.78 -16.64 -7.47
N MET A 377 2.87 -15.42 -8.00
CA MET A 377 3.86 -15.12 -9.04
C MET A 377 5.29 -15.37 -8.51
N LYS A 378 5.59 -14.86 -7.31
CA LYS A 378 6.91 -15.04 -6.72
C LYS A 378 7.26 -16.52 -6.57
N VAL A 379 6.30 -17.33 -6.10
CA VAL A 379 6.55 -18.76 -5.94
C VAL A 379 6.77 -19.42 -7.30
N GLY A 380 5.90 -19.10 -8.27
CA GLY A 380 6.10 -19.64 -9.60
C GLY A 380 7.46 -19.29 -10.19
N LYS A 381 7.86 -18.04 -10.02
CA LYS A 381 9.16 -17.60 -10.52
C LYS A 381 10.29 -18.38 -9.86
N LEU A 382 10.21 -18.58 -8.53
CA LEU A 382 11.23 -19.38 -7.86
C LEU A 382 11.27 -20.80 -8.41
N GLN A 383 10.09 -21.41 -8.64
CA GLN A 383 10.05 -22.76 -9.18
C GLN A 383 10.60 -22.80 -10.60
N LEU A 384 10.27 -21.80 -11.41
CA LEU A 384 10.76 -21.77 -12.79
C LEU A 384 12.29 -21.78 -12.83
N HIS A 385 12.91 -20.95 -12.00
CA HIS A 385 14.37 -20.81 -11.95
CA HIS A 385 14.37 -20.87 -12.06
C HIS A 385 15.05 -22.05 -11.38
N GLN A 386 14.32 -22.87 -10.65
CA GLN A 386 14.86 -24.11 -10.10
C GLN A 386 14.51 -25.33 -10.95
N GLY A 387 13.94 -25.13 -12.12
CA GLY A 387 13.72 -26.21 -13.07
C GLY A 387 12.44 -26.99 -12.89
N MET A 388 11.52 -26.50 -12.07
CA MET A 388 10.27 -27.20 -11.77
C MET A 388 9.18 -26.70 -12.73
N PHE A 389 9.28 -27.14 -14.00
CA PHE A 389 8.47 -26.48 -15.02
C PHE A 389 6.98 -26.74 -14.84
N PRO A 390 6.51 -27.98 -14.69
CA PRO A 390 5.04 -28.17 -14.54
C PRO A 390 4.47 -27.43 -13.33
N GLN A 391 5.17 -27.45 -12.21
CA GLN A 391 4.66 -26.77 -11.01
C GLN A 391 4.73 -25.26 -11.19
N ALA A 392 5.80 -24.76 -11.78
CA ALA A 392 5.91 -23.33 -12.06
C ALA A 392 4.78 -22.89 -12.99
N MET A 393 4.54 -23.67 -14.04
CA MET A 393 3.51 -23.29 -15.01
C MET A 393 2.15 -23.19 -14.33
N LYS A 394 1.85 -24.13 -13.44
CA LYS A 394 0.55 -24.08 -12.75
C LYS A 394 0.41 -22.82 -11.92
N ASN A 395 1.46 -22.46 -11.19
CA ASN A 395 1.39 -21.28 -10.34
C ASN A 395 1.41 -19.99 -11.15
N LEU A 396 2.23 -19.95 -12.21
CA LEU A 396 2.26 -18.77 -13.06
C LEU A 396 0.90 -18.56 -13.74
N ARG A 397 0.24 -19.65 -14.15
CA ARG A 397 -1.10 -19.51 -14.72
C ARG A 397 -2.10 -19.05 -13.67
N LEU A 398 -1.96 -19.56 -12.43
CA LEU A 398 -2.82 -19.10 -11.34
C LEU A 398 -2.59 -17.62 -11.06
N ALA A 399 -1.32 -17.21 -11.04
CA ALA A 399 -1.02 -15.79 -10.85
C ALA A 399 -1.65 -14.96 -11.96
N PHE A 400 -1.59 -15.45 -13.20
CA PHE A 400 -2.20 -14.69 -14.30
C PHE A 400 -3.71 -14.62 -14.14
N ASP A 401 -4.35 -15.69 -13.70
CA ASP A 401 -5.80 -15.68 -13.52
C ASP A 401 -6.19 -14.60 -12.52
N ILE A 402 -5.41 -14.43 -11.44
CA ILE A 402 -5.71 -13.40 -10.45
C ILE A 402 -5.30 -12.02 -10.97
N MET A 403 -4.09 -11.89 -11.49
CA MET A 403 -3.58 -10.58 -11.85
C MET A 403 -4.16 -10.01 -13.13
N ARG A 404 -4.69 -10.84 -14.04
CA ARG A 404 -5.48 -10.26 -15.13
C ARG A 404 -6.64 -9.45 -14.56
N VAL A 405 -7.17 -9.86 -13.42
CA VAL A 405 -8.26 -9.11 -12.79
C VAL A 405 -7.74 -7.96 -11.94
N THR A 406 -6.70 -8.20 -11.14
CA THR A 406 -6.29 -7.20 -10.14
C THR A 406 -5.32 -6.16 -10.66
N HIS A 407 -4.51 -6.51 -11.66
CA HIS A 407 -3.49 -5.66 -12.24
C HIS A 407 -3.87 -5.18 -13.64
N GLY A 408 -4.18 -6.10 -14.54
CA GLY A 408 -4.57 -5.77 -15.89
C GLY A 408 -3.42 -5.40 -16.80
N ARG A 409 -3.76 -5.23 -18.08
CA ARG A 409 -2.73 -4.96 -19.08
C ARG A 409 -2.04 -3.61 -18.86
N GLU A 410 -2.71 -2.68 -18.18
CA GLU A 410 -2.16 -1.36 -17.93
C GLU A 410 -1.05 -1.37 -16.87
N HIS A 411 -0.85 -2.49 -16.19
CA HIS A 411 0.17 -2.62 -15.17
C HIS A 411 1.38 -3.37 -15.73
N SER A 412 2.56 -2.78 -15.59
CA SER A 412 3.75 -3.37 -16.21
C SER A 412 4.06 -4.75 -15.67
N LEU A 413 3.66 -5.07 -14.43
CA LEU A 413 3.98 -6.39 -13.90
C LEU A 413 3.33 -7.50 -14.71
N ILE A 414 2.17 -7.24 -15.31
CA ILE A 414 1.53 -8.24 -16.17
C ILE A 414 2.45 -8.60 -17.31
N GLU A 415 3.14 -7.60 -17.87
CA GLU A 415 4.07 -7.88 -18.96
C GLU A 415 5.21 -8.78 -18.49
N ASP A 416 5.72 -8.54 -17.29
CA ASP A 416 6.74 -9.41 -16.72
C ASP A 416 6.22 -10.83 -16.56
N LEU A 417 4.98 -10.97 -16.12
CA LEU A 417 4.42 -12.30 -15.92
C LEU A 417 4.21 -13.02 -17.25
N ILE A 418 3.73 -12.29 -18.27
CA ILE A 418 3.56 -12.92 -19.57
C ILE A 418 4.89 -13.47 -20.07
N LEU A 419 5.98 -12.77 -19.79
CA LEU A 419 7.30 -13.27 -20.19
C LEU A 419 7.64 -14.56 -19.46
N LEU A 420 7.37 -14.64 -18.15
CA LEU A 420 7.65 -15.88 -17.43
C LEU A 420 6.78 -17.02 -17.96
N LEU A 421 5.52 -16.73 -18.30
CA LEU A 421 4.65 -17.78 -18.84
C LEU A 421 5.18 -18.29 -20.17
N GLU A 422 5.60 -17.37 -21.05
CA GLU A 422 6.14 -17.80 -22.34
C GLU A 422 7.43 -18.61 -22.16
N GLU A 423 8.29 -18.18 -21.24
CA GLU A 423 9.51 -18.93 -20.97
C GLU A 423 9.19 -20.34 -20.46
N CYS A 424 8.34 -20.43 -19.44
CA CYS A 424 7.98 -21.72 -18.87
C CYS A 424 7.33 -22.62 -19.91
N ASP A 425 6.44 -22.07 -20.73
CA ASP A 425 5.79 -22.87 -21.76
C ASP A 425 6.81 -23.41 -22.76
N ALA A 426 7.75 -22.56 -23.18
CA ALA A 426 8.79 -23.02 -24.10
C ALA A 426 9.57 -24.19 -23.51
N ASN A 427 9.82 -24.16 -22.20
CA ASN A 427 10.55 -25.26 -21.57
C ASN A 427 9.73 -26.55 -21.60
N ILE A 428 8.41 -26.43 -21.43
CA ILE A 428 7.57 -27.62 -21.44
C ILE A 428 7.46 -28.17 -22.87
N ARG A 429 7.35 -27.27 -23.85
CA ARG A 429 7.26 -27.73 -25.23
C ARG A 429 8.55 -28.42 -25.68
N ALA A 430 9.69 -28.09 -25.06
CA ALA A 430 10.96 -28.69 -25.43
C ALA A 430 11.08 -30.12 -24.91
N SER A 431 9.95 -30.70 -24.52
CA SER A 431 9.90 -32.15 -24.23
C SER A 431 8.55 -32.77 -24.56
ZN ZN B . -16.26 -5.30 8.37
ZN ZN C . 13.47 7.27 -10.71
ZN ZN D . 16.70 19.33 -2.85
C1 E4I E . -7.30 5.57 2.62
C2 E4I E . -7.18 3.74 1.45
C3 E4I E . -8.04 4.58 0.82
N E4I E . -8.08 5.75 1.53
C E4I E . -8.73 7.00 1.10
O E4I E . -5.94 1.73 2.19
N1 E4I E . -6.73 4.39 2.64
N2 E4I E . -7.78 1.33 0.63
O1 E4I E . -5.77 2.45 -0.17
S E4I E . -6.55 2.24 1.02
H3 E4I E . -7.16 6.32 3.40
H4 E4I E . -8.62 4.43 -0.09
H2 E4I E . -9.08 7.56 1.97
H E4I E . -9.59 6.80 0.47
H1 E4I E . -8.04 7.63 0.55
H6 E4I E . -8.75 1.64 0.55
H5 E4I E . -7.74 0.34 0.43
C1 E4I F . -20.02 13.45 6.32
C2 E4I F . -19.81 12.99 8.42
C3 E4I F . -21.13 12.88 8.12
N E4I F . -21.26 13.16 6.78
C E4I F . -22.50 13.13 6.01
O E4I F . -18.24 11.53 9.63
N1 E4I F . -19.12 13.35 7.26
N2 E4I F . -17.89 13.94 9.86
O1 E4I F . -19.85 12.92 10.90
S E4I F . -18.93 12.76 9.81
H3 E4I F . -19.81 13.71 5.28
H4 E4I F . -21.97 12.63 8.76
H2 E4I F . -22.81 14.14 5.75
H E4I F . -23.30 12.66 6.58
H1 E4I F . -22.37 12.57 5.09
H6 E4I F . -17.37 14.24 10.68
H5 E4I F . -17.62 14.52 9.07
N SAM G . -17.28 8.68 2.83
CA SAM G . -16.06 9.38 2.51
C SAM G . -16.39 10.81 2.13
O SAM G . -15.49 11.55 1.71
OXT SAM G . -17.54 11.22 2.25
CB SAM G . -15.34 8.63 1.39
CG SAM G . -14.23 7.66 1.88
SD SAM G . -13.02 8.34 2.88
CE SAM G . -11.54 7.78 2.18
C5' SAM G . -13.06 7.51 4.38
C4' SAM G . -14.21 7.88 5.35
O4' SAM G . -15.36 7.42 4.81
C3' SAM G . -14.04 7.18 6.72
O3' SAM G . -13.29 7.88 7.61
C2' SAM G . -15.54 7.09 7.12
O2' SAM G . -16.00 8.42 7.57
C1' SAM G . -16.20 6.81 5.98
N9 SAM G . -16.47 5.39 5.80
C8 SAM G . -15.67 4.81 4.90
N7 SAM G . -16.02 3.50 4.78
C5 SAM G . -17.11 3.33 5.65
C6 SAM G . -17.90 2.24 5.99
N6 SAM G . -18.00 0.88 5.65
N1 SAM G . -18.87 2.38 6.90
C2 SAM G . -19.12 3.57 7.48
N3 SAM G . -18.36 4.67 7.18
C4 SAM G . -17.37 4.48 6.24
HN1 SAM G . -17.92 8.71 2.02
HN2 SAM G . -17.06 7.71 3.06
HA SAM G . -15.42 9.42 3.33
HB1 SAM G . -16.06 8.07 0.86
HB2 SAM G . -14.90 9.34 0.75
HG1 SAM G . -13.75 7.26 1.04
HG2 SAM G . -14.68 6.89 2.41
HE1 SAM G . -11.69 6.76 1.77
HE2 SAM G . -10.74 7.76 2.95
HE3 SAM G . -11.24 8.47 1.35
H5'1 SAM G . -13.15 6.47 4.17
H5'2 SAM G . -12.15 7.70 4.88
H4' SAM G . -14.26 8.99 5.54
H3' SAM G . -13.55 6.22 6.66
HO3' SAM G . -12.77 8.44 7.18
H2' SAM G . -15.68 6.31 7.87
HO2' SAM G . -16.05 9.01 6.85
H1' SAM G . -17.21 7.34 6.02
H8 SAM G . -14.84 5.31 4.34
HN61 SAM G . -18.71 0.32 6.06
HN62 SAM G . -17.35 0.47 5.01
H2 SAM G . -19.95 3.65 8.21
#